data_4AGW
#
_entry.id   4AGW
#
_cell.length_a   40.738
_cell.length_b   61.393
_cell.length_c   71.814
_cell.angle_alpha   79.57
_cell.angle_beta   89.10
_cell.angle_gamma   90.14
#
_symmetry.space_group_name_H-M   'P 1'
#
loop_
_entity.id
_entity.type
_entity.pdbx_description
1 polymer 'PROTO-ONCOGENE TYROSINE-PROTEIN KINASE SRC'
2 non-polymer '3-{2-[(cyclopropylcarbonyl)amino][1,3]thiazolo[5,4-b]pyridin-5-yl}-N-{4-[(4-ethylpiperazin-1-yl)methyl]-3-(trifluoromet hyl)phenyl}benzamide'
3 non-polymer '2-(N-MORPHOLINO)-ETHANESULFONIC ACID'
4 non-polymer GLYCEROL
5 water water
#
_entity_poly.entity_id   1
_entity_poly.type   'polypeptide(L)'
_entity_poly.pdbx_seq_one_letter_code
;GHMQTQGLAKDAWEIPRESLRLEVKLGQGCFGEVWMGTWNGTTRVAIKTLKPGTMSPEAFLQEAQVMKKLRHEKLVQLYA
VVSEEPIYIVTEYMSKGSLLDFLKGEMGKYLRLPQLVDMAAQIASGMAYVERMNYVHRDLRAANILVGENLVCKVADFGL
ARLIEDNEYTARQGAKFPIKWTAPEAALYGRFTIKSDVWSFGILLTELTTKGRVPYPGMVNREVLDQVERGYRMPCPPEC
PESLHDLMCQCWRKDPEERPTFEYLQAFLEDYFTSTEPQYQPGENL
;
_entity_poly.pdbx_strand_id   A,B
#
loop_
_chem_comp.id
_chem_comp.type
_chem_comp.name
_chem_comp.formula
GOL non-polymer GLYCEROL 'C3 H8 O3'
MES non-polymer '2-(N-MORPHOLINO)-ETHANESULFONIC ACID' 'C6 H13 N O4 S'
NG7 non-polymer '3-{2-[(cyclopropylcarbonyl)amino][1,3]thiazolo[5,4-b]pyridin-5-yl}-N-{4-[(4-ethylpiperazin-1-yl)methyl]-3-(trifluoromet hyl)phenyl}benzamide' 'C31 H31 F3 N6 O2 S'
#
# COMPACT_ATOMS: atom_id res chain seq x y z
N LYS A 10 -27.79 7.55 31.61
CA LYS A 10 -27.24 8.88 31.34
C LYS A 10 -26.36 9.30 32.52
N ASP A 11 -25.05 9.28 32.31
CA ASP A 11 -24.11 9.35 33.42
C ASP A 11 -23.19 10.56 33.40
N ALA A 12 -22.19 10.54 34.29
CA ALA A 12 -21.31 11.68 34.49
C ALA A 12 -20.23 11.79 33.40
N TRP A 13 -20.31 10.91 32.40
CA TRP A 13 -19.48 11.08 31.22
C TRP A 13 -20.24 11.92 30.19
N GLU A 14 -21.56 11.99 30.36
CA GLU A 14 -22.42 12.76 29.46
C GLU A 14 -22.10 14.26 29.45
N ILE A 15 -22.10 14.84 28.25
CA ILE A 15 -21.80 16.25 28.07
C ILE A 15 -22.68 16.88 27.02
N PRO A 16 -22.66 18.21 26.92
CA PRO A 16 -23.35 18.96 25.87
C PRO A 16 -22.52 19.04 24.59
N ARG A 17 -23.17 18.93 23.43
CA ARG A 17 -22.49 19.01 22.15
C ARG A 17 -21.78 20.35 22.01
N GLU A 18 -22.21 21.33 22.80
CA GLU A 18 -21.65 22.67 22.75
C GLU A 18 -20.17 22.70 23.13
N SER A 19 -19.82 22.01 24.22
CA SER A 19 -18.44 21.94 24.66
C SER A 19 -17.57 21.31 23.57
N LEU A 20 -18.24 20.65 22.63
CA LEU A 20 -17.57 19.97 21.51
C LEU A 20 -17.59 20.77 20.22
N ARG A 21 -16.40 21.13 19.74
CA ARG A 21 -16.27 21.73 18.41
C ARG A 21 -15.80 20.65 17.44
N LEU A 22 -16.70 20.15 16.60
CA LEU A 22 -16.30 19.19 15.58
C LEU A 22 -15.63 19.90 14.41
N GLU A 23 -14.31 19.98 14.44
CA GLU A 23 -13.57 20.71 13.42
C GLU A 23 -13.35 19.91 12.13
N VAL A 24 -12.53 18.85 12.22
CA VAL A 24 -12.16 18.07 11.04
C VAL A 24 -12.72 16.64 11.08
N LYS A 25 -13.25 16.18 9.95
CA LYS A 25 -13.65 14.78 9.84
C LYS A 25 -12.38 13.94 9.65
N LEU A 26 -12.46 12.66 9.99
CA LEU A 26 -11.25 11.83 10.04
C LEU A 26 -11.41 10.45 9.41
N GLY A 27 -12.63 9.94 9.40
CA GLY A 27 -12.89 8.61 8.87
C GLY A 27 -14.32 8.45 8.42
N GLN A 28 -14.53 7.56 7.45
CA GLN A 28 -15.86 7.24 6.97
C GLN A 28 -16.19 5.79 7.29
N GLY A 29 -17.16 5.59 8.18
CA GLY A 29 -17.56 4.26 8.58
C GLY A 29 -18.96 3.92 8.11
N CYS A 30 -19.45 2.76 8.54
CA CYS A 30 -20.80 2.34 8.19
C CYS A 30 -21.84 2.86 9.19
N PHE A 31 -21.40 3.09 10.42
CA PHE A 31 -22.31 3.52 11.48
C PHE A 31 -22.04 4.93 12.00
N GLY A 32 -20.98 5.57 11.49
CA GLY A 32 -20.69 6.93 11.87
C GLY A 32 -19.40 7.45 11.28
N GLU A 33 -18.99 8.64 11.74
CA GLU A 33 -17.76 9.28 11.26
C GLU A 33 -16.88 9.64 12.45
N VAL A 34 -15.57 9.70 12.22
CA VAL A 34 -14.65 10.15 13.25
C VAL A 34 -14.22 11.59 13.01
N TRP A 35 -14.49 12.46 13.98
CA TRP A 35 -14.15 13.86 13.84
C TRP A 35 -13.07 14.23 14.83
N MET A 36 -12.20 15.15 14.43
CA MET A 36 -11.28 15.75 15.37
C MET A 36 -11.82 17.10 15.80
N GLY A 37 -12.10 17.25 17.09
CA GLY A 37 -12.72 18.46 17.57
C GLY A 37 -12.07 19.07 18.79
N THR A 38 -12.69 20.12 19.31
CA THR A 38 -12.18 20.79 20.50
C THR A 38 -13.19 20.65 21.63
N TRP A 39 -12.73 20.11 22.76
CA TRP A 39 -13.59 19.95 23.93
C TRP A 39 -13.40 21.09 24.91
N ASN A 40 -14.52 21.68 25.34
CA ASN A 40 -14.46 22.85 26.20
C ASN A 40 -13.59 23.90 25.53
N GLY A 41 -13.63 23.93 24.19
CA GLY A 41 -12.87 24.88 23.41
C GLY A 41 -11.39 24.89 23.70
N THR A 42 -10.95 24.03 24.61
CA THR A 42 -9.57 24.04 25.08
C THR A 42 -8.84 22.79 24.65
N THR A 43 -9.39 21.64 25.01
CA THR A 43 -8.69 20.37 24.86
C THR A 43 -9.01 19.67 23.55
N ARG A 44 -7.97 19.36 22.78
CA ARG A 44 -8.15 18.65 21.51
C ARG A 44 -8.65 17.22 21.76
N VAL A 45 -9.68 16.84 21.03
CA VAL A 45 -10.29 15.54 21.22
C VAL A 45 -10.65 14.90 19.90
N ALA A 46 -10.62 13.57 19.90
CA ALA A 46 -11.18 12.81 18.79
C ALA A 46 -12.63 12.56 19.13
N ILE A 47 -13.46 12.51 18.11
CA ILE A 47 -14.89 12.34 18.33
C ILE A 47 -15.49 11.33 17.37
N LYS A 48 -15.86 10.17 17.90
CA LYS A 48 -16.50 9.13 17.12
C LYS A 48 -18.01 9.34 17.15
N THR A 49 -18.56 9.77 16.02
CA THR A 49 -20.00 9.99 15.92
C THR A 49 -20.70 8.70 15.56
N LEU A 50 -21.98 8.60 15.89
CA LEU A 50 -22.84 7.53 15.42
C LEU A 50 -23.99 8.13 14.63
N LYS A 51 -24.13 7.71 13.37
CA LYS A 51 -25.26 8.16 12.57
C LYS A 51 -26.52 7.50 13.12
N PRO A 52 -27.38 8.28 13.78
CA PRO A 52 -28.60 7.69 14.34
C PRO A 52 -29.42 7.03 13.23
N GLY A 53 -29.96 5.85 13.51
CA GLY A 53 -30.70 5.10 12.51
C GLY A 53 -29.82 4.14 11.73
N THR A 54 -28.57 4.00 12.17
CA THR A 54 -27.62 3.06 11.58
C THR A 54 -27.21 1.98 12.58
N MET A 55 -27.37 2.29 13.87
CA MET A 55 -26.98 1.37 14.93
C MET A 55 -27.46 1.84 16.31
N SER A 56 -28.17 0.96 16.99
CA SER A 56 -28.74 1.29 18.28
C SER A 56 -27.69 1.94 19.18
N PRO A 57 -28.12 2.88 20.03
CA PRO A 57 -27.29 3.57 21.03
C PRO A 57 -26.59 2.59 21.95
N GLU A 58 -27.32 1.59 22.44
CA GLU A 58 -26.73 0.56 23.29
C GLU A 58 -25.50 -0.03 22.61
N ALA A 59 -25.70 -0.52 21.39
CA ALA A 59 -24.63 -1.15 20.63
C ALA A 59 -23.43 -0.23 20.52
N PHE A 60 -23.68 0.98 20.03
CA PHE A 60 -22.62 1.93 19.77
C PHE A 60 -21.96 2.43 21.05
N LEU A 61 -22.73 2.51 22.12
CA LEU A 61 -22.23 2.99 23.39
C LEU A 61 -21.80 1.86 24.32
N GLN A 62 -21.77 0.65 23.79
CA GLN A 62 -21.20 -0.46 24.53
C GLN A 62 -19.70 -0.24 24.54
N GLU A 63 -19.14 0.10 23.36
CA GLU A 63 -17.73 0.40 23.26
C GLU A 63 -17.38 1.55 24.21
N ALA A 64 -18.31 2.49 24.36
CA ALA A 64 -18.09 3.63 25.25
C ALA A 64 -18.13 3.20 26.71
N GLN A 65 -19.10 2.36 27.04
CA GLN A 65 -19.21 1.79 28.37
C GLN A 65 -17.94 1.02 28.67
N VAL A 66 -17.42 0.34 27.66
CA VAL A 66 -16.16 -0.38 27.78
C VAL A 66 -15.03 0.59 28.07
N MET A 67 -15.01 1.70 27.35
CA MET A 67 -13.91 2.65 27.48
C MET A 67 -13.90 3.30 28.85
N LYS A 68 -15.08 3.38 29.48
CA LYS A 68 -15.19 3.99 30.80
C LYS A 68 -14.38 3.21 31.85
N LYS A 69 -14.58 1.90 31.87
CA LYS A 69 -13.95 1.08 32.90
C LYS A 69 -12.46 0.93 32.65
N LEU A 70 -11.97 1.54 31.58
CA LEU A 70 -10.57 1.32 31.17
C LEU A 70 -9.77 2.60 31.03
N ARG A 71 -9.35 3.20 32.13
CA ARG A 71 -8.48 4.37 32.10
C ARG A 71 -7.01 3.96 32.19
N HIS A 72 -6.25 4.14 31.11
CA HIS A 72 -4.84 3.82 31.15
C HIS A 72 -4.00 4.69 30.21
N GLU A 73 -2.83 5.10 30.70
CA GLU A 73 -1.92 5.95 29.92
C GLU A 73 -1.80 5.52 28.46
N LYS A 74 -1.93 4.23 28.19
CA LYS A 74 -1.63 3.71 26.86
C LYS A 74 -2.86 3.14 26.17
N LEU A 75 -4.02 3.50 26.70
CA LEU A 75 -5.29 3.27 26.03
C LEU A 75 -5.86 4.60 25.65
N VAL A 76 -6.57 4.66 24.53
CA VAL A 76 -7.30 5.86 24.21
C VAL A 76 -8.28 6.12 25.35
N GLN A 77 -8.08 7.24 26.03
CA GLN A 77 -8.95 7.61 27.13
C GLN A 77 -10.28 8.16 26.62
N LEU A 78 -11.38 7.56 27.06
CA LEU A 78 -12.69 8.18 26.90
C LEU A 78 -12.66 9.48 27.69
N TYR A 79 -13.21 10.54 27.13
CA TYR A 79 -13.22 11.86 27.79
C TYR A 79 -14.64 12.24 28.20
N ALA A 80 -15.58 12.04 27.28
CA ALA A 80 -16.97 12.35 27.52
C ALA A 80 -17.86 11.61 26.52
N VAL A 81 -19.17 11.78 26.64
CA VAL A 81 -20.09 11.05 25.78
C VAL A 81 -21.35 11.85 25.51
N VAL A 82 -21.86 11.74 24.29
CA VAL A 82 -23.18 12.24 23.97
C VAL A 82 -24.04 11.05 23.63
N SER A 83 -24.77 10.53 24.62
CA SER A 83 -25.62 9.37 24.40
C SER A 83 -26.83 9.76 23.57
N GLU A 84 -27.53 10.81 24.01
CA GLU A 84 -28.71 11.28 23.31
C GLU A 84 -28.37 11.81 21.92
N GLU A 85 -28.88 11.11 20.90
CA GLU A 85 -28.60 11.39 19.49
C GLU A 85 -28.59 12.88 19.15
N PRO A 86 -27.71 13.29 18.23
CA PRO A 86 -26.69 12.42 17.62
C PRO A 86 -25.70 11.95 18.68
N ILE A 87 -25.35 10.67 18.63
CA ILE A 87 -24.57 10.05 19.70
C ILE A 87 -23.07 10.27 19.52
N TYR A 88 -22.50 11.23 20.23
CA TYR A 88 -21.05 11.46 20.11
C TYR A 88 -20.28 10.77 21.22
N ILE A 89 -19.20 10.09 20.86
CA ILE A 89 -18.22 9.64 21.84
C ILE A 89 -16.99 10.51 21.68
N VAL A 90 -16.45 11.00 22.78
CA VAL A 90 -15.31 11.90 22.72
C VAL A 90 -14.14 11.37 23.53
N THR A 91 -12.95 11.48 22.96
CA THR A 91 -11.78 10.82 23.52
C THR A 91 -10.58 11.71 23.35
N GLU A 92 -9.53 11.44 24.10
CA GLU A 92 -8.30 12.16 23.86
C GLU A 92 -8.00 12.03 22.39
N TYR A 93 -7.39 13.07 21.83
CA TYR A 93 -7.07 13.05 20.41
C TYR A 93 -5.62 12.66 20.28
N MET A 94 -5.31 11.95 19.21
CA MET A 94 -3.94 11.55 18.94
C MET A 94 -3.50 12.14 17.62
N SER A 95 -2.55 13.07 17.70
CA SER A 95 -2.16 13.89 16.56
C SER A 95 -1.82 13.08 15.30
N LYS A 96 -1.08 11.99 15.46
CA LYS A 96 -0.49 11.29 14.32
C LYS A 96 -1.39 10.24 13.65
N GLY A 97 -2.60 10.10 14.16
CA GLY A 97 -3.54 9.17 13.55
C GLY A 97 -3.19 7.75 13.87
N SER A 98 -3.63 6.82 13.04
CA SER A 98 -3.42 5.42 13.32
C SER A 98 -1.96 5.09 13.24
N LEU A 99 -1.56 4.05 13.96
CA LEU A 99 -0.19 3.61 13.94
C LEU A 99 0.12 3.05 12.59
N LEU A 100 -0.93 2.62 11.90
CA LEU A 100 -0.80 2.09 10.56
C LEU A 100 -0.51 3.21 9.55
N ASP A 101 -1.31 4.27 9.59
CA ASP A 101 -1.10 5.39 8.66
C ASP A 101 0.28 5.98 8.94
N PHE A 102 0.73 5.77 10.17
CA PHE A 102 1.93 6.38 10.65
C PHE A 102 3.15 5.53 10.29
N LEU A 103 2.97 4.22 10.28
CA LEU A 103 4.05 3.35 9.87
C LEU A 103 4.25 3.44 8.36
N LYS A 104 3.16 3.28 7.59
CA LYS A 104 3.24 3.30 6.13
C LYS A 104 3.64 4.70 5.70
N GLY A 105 3.12 5.68 6.44
CA GLY A 105 3.33 7.08 6.13
C GLY A 105 4.75 7.58 6.25
N GLU A 106 4.87 8.90 6.26
CA GLU A 106 6.15 9.57 6.12
C GLU A 106 7.07 9.36 7.32
N MET A 107 6.58 9.64 8.51
CA MET A 107 7.44 9.50 9.69
C MET A 107 7.78 8.05 9.93
N GLY A 108 7.02 7.15 9.34
CA GLY A 108 7.34 5.73 9.37
C GLY A 108 8.75 5.44 8.87
N LYS A 109 9.11 6.02 7.74
CA LYS A 109 10.43 5.85 7.13
C LYS A 109 11.62 6.06 8.06
N TYR A 110 11.42 6.81 9.14
CA TYR A 110 12.51 7.13 10.06
C TYR A 110 12.34 6.40 11.37
N LEU A 111 11.34 5.53 11.45
CA LEU A 111 11.11 4.74 12.64
C LEU A 111 12.00 3.52 12.58
N ARG A 112 12.83 3.35 13.60
CA ARG A 112 13.67 2.16 13.68
C ARG A 112 13.19 1.27 14.81
N LEU A 113 13.95 0.20 15.03
CA LEU A 113 13.59 -0.74 16.06
C LEU A 113 13.30 -0.06 17.41
N PRO A 114 14.22 0.77 17.89
CA PRO A 114 14.01 1.34 19.21
C PRO A 114 12.70 2.09 19.34
N GLN A 115 12.33 2.87 18.35
CA GLN A 115 11.06 3.58 18.47
C GLN A 115 9.96 2.56 18.27
N LEU A 116 10.17 1.64 17.32
CA LEU A 116 9.16 0.61 17.07
C LEU A 116 8.92 -0.25 18.31
N VAL A 117 10.00 -0.66 18.97
CA VAL A 117 9.89 -1.49 20.14
C VAL A 117 9.30 -0.75 21.33
N ASP A 118 9.47 0.57 21.33
CA ASP A 118 8.92 1.42 22.38
C ASP A 118 7.41 1.40 22.21
N MET A 119 6.99 1.65 20.97
CA MET A 119 5.60 1.61 20.62
C MET A 119 5.03 0.27 21.00
N ALA A 120 5.66 -0.78 20.49
CA ALA A 120 5.26 -2.12 20.85
C ALA A 120 5.06 -2.10 22.35
N ALA A 121 6.08 -1.59 23.07
CA ALA A 121 6.08 -1.57 24.52
C ALA A 121 4.87 -0.83 25.08
N GLN A 122 4.56 0.30 24.49
CA GLN A 122 3.47 1.08 25.04
C GLN A 122 2.17 0.36 24.81
N ILE A 123 1.99 -0.14 23.59
CA ILE A 123 0.81 -0.95 23.26
C ILE A 123 0.76 -2.15 24.17
N ALA A 124 1.81 -2.96 24.11
CA ALA A 124 1.93 -4.07 25.03
C ALA A 124 1.44 -3.63 26.41
N SER A 125 1.79 -2.42 26.80
CA SER A 125 1.38 -1.89 28.10
C SER A 125 -0.12 -1.63 28.16
N GLY A 126 -0.63 -0.85 27.21
CA GLY A 126 -2.06 -0.61 27.16
C GLY A 126 -2.78 -1.93 27.12
N MET A 127 -2.22 -2.86 26.37
CA MET A 127 -2.83 -4.16 26.23
C MET A 127 -2.67 -4.98 27.51
N ALA A 128 -1.61 -4.68 28.26
CA ALA A 128 -1.37 -5.34 29.52
C ALA A 128 -2.41 -4.82 30.49
N TYR A 129 -2.65 -3.52 30.46
CA TYR A 129 -3.72 -2.96 31.25
C TYR A 129 -4.99 -3.70 30.94
N VAL A 130 -5.31 -3.76 29.65
CA VAL A 130 -6.48 -4.47 29.14
C VAL A 130 -6.53 -5.89 29.70
N GLU A 131 -5.35 -6.49 29.78
CA GLU A 131 -5.18 -7.81 30.36
C GLU A 131 -5.55 -7.85 31.82
N ARG A 132 -5.02 -6.93 32.60
CA ARG A 132 -5.33 -6.89 34.02
C ARG A 132 -6.84 -6.81 34.19
N MET A 133 -7.49 -6.11 33.28
CA MET A 133 -8.90 -5.85 33.39
C MET A 133 -9.69 -7.05 32.91
N ASN A 134 -8.98 -8.10 32.55
CA ASN A 134 -9.60 -9.29 31.99
C ASN A 134 -10.51 -8.89 30.83
N TYR A 135 -10.16 -7.78 30.19
CA TYR A 135 -10.79 -7.37 28.94
C TYR A 135 -10.12 -8.02 27.75
N VAL A 136 -10.79 -7.95 26.61
CA VAL A 136 -10.26 -8.44 25.37
C VAL A 136 -10.44 -7.35 24.34
N HIS A 137 -9.55 -7.31 23.38
CA HIS A 137 -9.66 -6.27 22.39
C HIS A 137 -10.30 -6.83 21.15
N ARG A 138 -9.70 -7.90 20.62
CA ARG A 138 -10.28 -8.66 19.50
C ARG A 138 -9.87 -8.11 18.17
N ASP A 139 -9.24 -6.95 18.19
CA ASP A 139 -8.87 -6.32 16.93
C ASP A 139 -7.58 -5.53 17.15
N LEU A 140 -6.74 -6.06 18.02
CA LEU A 140 -5.43 -5.51 18.25
C LEU A 140 -4.67 -5.62 16.95
N ARG A 141 -4.30 -4.48 16.41
CA ARG A 141 -3.61 -4.42 15.14
C ARG A 141 -3.22 -2.97 14.90
N ALA A 142 -2.14 -2.77 14.14
CA ALA A 142 -1.56 -1.43 14.00
C ALA A 142 -2.59 -0.39 13.59
N ALA A 143 -3.64 -0.82 12.89
CA ALA A 143 -4.71 0.07 12.43
C ALA A 143 -5.55 0.56 13.60
N ASN A 144 -5.33 -0.04 14.76
CA ASN A 144 -6.09 0.32 15.95
C ASN A 144 -5.20 0.97 16.99
N ILE A 145 -3.93 1.11 16.67
CA ILE A 145 -3.09 1.81 17.58
C ILE A 145 -2.99 3.20 17.05
N LEU A 146 -3.21 4.17 17.94
CA LEU A 146 -3.07 5.56 17.60
C LEU A 146 -1.70 6.06 18.05
N VAL A 147 -1.07 6.87 17.23
CA VAL A 147 0.18 7.48 17.63
C VAL A 147 -0.11 8.89 18.04
N GLY A 148 0.58 9.34 19.08
CA GLY A 148 0.42 10.71 19.54
C GLY A 148 1.69 11.47 19.28
N GLU A 149 1.83 12.62 19.91
CA GLU A 149 3.10 13.29 19.80
C GLU A 149 4.05 12.46 20.64
N ASN A 150 5.33 12.54 20.33
CA ASN A 150 6.32 11.85 21.13
C ASN A 150 6.19 10.34 21.02
N LEU A 151 5.73 9.88 19.87
CA LEU A 151 5.62 8.45 19.61
C LEU A 151 4.77 7.77 20.66
N VAL A 152 3.96 8.54 21.36
CA VAL A 152 2.96 7.93 22.22
C VAL A 152 2.02 7.13 21.32
N CYS A 153 1.86 5.84 21.62
CA CYS A 153 0.87 5.03 20.92
C CYS A 153 -0.06 4.53 21.99
N LYS A 154 -1.33 4.40 21.64
CA LYS A 154 -2.31 3.95 22.59
C LYS A 154 -3.22 2.97 21.89
N VAL A 155 -3.66 1.95 22.61
CA VAL A 155 -4.63 1.04 22.03
C VAL A 155 -5.93 1.78 21.83
N ALA A 156 -6.47 1.70 20.63
CA ALA A 156 -7.78 2.24 20.32
C ALA A 156 -8.60 1.15 19.64
N ASP A 157 -9.82 1.47 19.26
CA ASP A 157 -10.62 0.53 18.48
C ASP A 157 -11.60 1.29 17.59
N PHE A 158 -11.90 0.72 16.42
CA PHE A 158 -12.87 1.33 15.52
C PHE A 158 -13.83 0.27 14.98
N PRO A 178 -10.57 -9.52 9.19
CA PRO A 178 -9.27 -9.21 9.79
C PRO A 178 -8.67 -10.46 10.37
N ILE A 179 -8.70 -11.55 9.61
CA ILE A 179 -8.21 -12.80 10.16
C ILE A 179 -6.69 -12.84 10.13
N LYS A 180 -6.09 -11.89 9.43
CA LYS A 180 -4.63 -11.84 9.35
C LYS A 180 -4.05 -11.46 10.69
N TRP A 181 -4.83 -10.75 11.50
CA TRP A 181 -4.38 -10.32 12.81
C TRP A 181 -5.00 -11.13 13.91
N THR A 182 -5.91 -12.03 13.50
CA THR A 182 -6.77 -12.73 14.43
C THR A 182 -6.26 -14.11 14.70
N ALA A 183 -6.10 -14.43 15.97
CA ALA A 183 -5.68 -15.75 16.39
C ALA A 183 -6.71 -16.75 15.91
N PRO A 184 -6.23 -17.89 15.39
CA PRO A 184 -7.07 -18.96 14.86
C PRO A 184 -8.33 -19.21 15.71
N GLU A 185 -8.10 -19.71 16.92
CA GLU A 185 -9.21 -20.08 17.79
C GLU A 185 -10.21 -18.94 17.88
N ALA A 186 -9.78 -17.74 17.51
CA ALA A 186 -10.65 -16.57 17.50
C ALA A 186 -11.31 -16.44 16.14
N ALA A 187 -10.49 -16.56 15.10
CA ALA A 187 -10.99 -16.54 13.74
C ALA A 187 -11.90 -17.71 13.43
N LEU A 188 -11.70 -18.84 14.12
CA LEU A 188 -12.40 -20.09 13.77
C LEU A 188 -13.53 -20.49 14.73
N TYR A 189 -13.25 -20.43 16.02
CA TYR A 189 -14.24 -20.86 16.99
C TYR A 189 -14.62 -19.68 17.86
N GLY A 190 -14.24 -18.50 17.40
CA GLY A 190 -14.55 -17.26 18.09
C GLY A 190 -14.07 -17.26 19.54
N ARG A 191 -12.99 -17.98 19.80
CA ARG A 191 -12.37 -17.95 21.12
C ARG A 191 -11.49 -16.72 21.26
N PHE A 192 -12.13 -15.56 21.22
CA PHE A 192 -11.46 -14.29 21.42
C PHE A 192 -11.15 -14.06 22.88
N THR A 193 -9.87 -14.12 23.21
CA THR A 193 -9.43 -13.86 24.56
C THR A 193 -8.22 -12.93 24.48
N ILE A 194 -7.84 -12.36 25.61
CA ILE A 194 -6.63 -11.57 25.66
C ILE A 194 -5.50 -12.34 24.97
N LYS A 195 -5.52 -13.66 25.09
CA LYS A 195 -4.49 -14.50 24.48
C LYS A 195 -4.53 -14.37 22.97
N SER A 196 -5.73 -14.31 22.39
CA SER A 196 -5.86 -14.13 20.96
C SER A 196 -5.51 -12.69 20.61
N ASP A 197 -5.61 -11.81 21.60
CA ASP A 197 -5.08 -10.47 21.48
C ASP A 197 -3.55 -10.50 21.47
N VAL A 198 -2.96 -11.31 22.33
CA VAL A 198 -1.52 -11.52 22.29
C VAL A 198 -1.13 -11.90 20.86
N TRP A 199 -1.84 -12.88 20.30
CA TRP A 199 -1.65 -13.28 18.92
C TRP A 199 -1.62 -12.07 18.00
N SER A 200 -2.65 -11.25 18.10
CA SER A 200 -2.78 -10.11 17.23
C SER A 200 -1.55 -9.28 17.47
N PHE A 201 -1.23 -9.12 18.74
CA PHE A 201 -0.11 -8.31 19.10
C PHE A 201 1.08 -8.83 18.32
N GLY A 202 1.23 -10.14 18.26
CA GLY A 202 2.30 -10.68 17.45
C GLY A 202 2.24 -10.11 16.04
N ILE A 203 1.03 -10.02 15.49
CA ILE A 203 0.86 -9.57 14.13
C ILE A 203 1.27 -8.11 14.10
N LEU A 204 0.94 -7.41 15.17
CA LEU A 204 1.22 -6.00 15.27
C LEU A 204 2.73 -5.83 15.32
N LEU A 205 3.42 -6.85 15.76
CA LEU A 205 4.86 -6.75 15.83
C LEU A 205 5.36 -6.72 14.39
N THR A 206 4.70 -7.47 13.53
CA THR A 206 5.13 -7.52 12.14
C THR A 206 4.76 -6.23 11.44
N GLU A 207 3.59 -5.69 11.74
CA GLU A 207 3.18 -4.40 11.21
C GLU A 207 4.26 -3.40 11.55
N LEU A 208 4.75 -3.50 12.77
CA LEU A 208 5.61 -2.47 13.34
C LEU A 208 6.94 -2.54 12.70
N THR A 209 7.30 -3.74 12.29
CA THR A 209 8.66 -3.97 11.85
C THR A 209 8.69 -4.16 10.36
N THR A 210 7.50 -4.09 9.74
CA THR A 210 7.39 -4.09 8.28
C THR A 210 6.88 -2.73 7.84
N LYS A 211 6.82 -1.81 8.79
CA LYS A 211 6.47 -0.44 8.50
C LYS A 211 5.03 -0.38 8.05
N GLY A 212 4.21 -1.26 8.59
CA GLY A 212 2.78 -1.16 8.36
C GLY A 212 2.29 -2.13 7.31
N ARG A 213 3.21 -2.85 6.68
CA ARG A 213 2.83 -3.81 5.63
C ARG A 213 1.78 -4.81 6.09
N VAL A 214 1.06 -5.38 5.14
CA VAL A 214 -0.03 -6.27 5.49
C VAL A 214 0.53 -7.63 5.81
N PRO A 215 0.14 -8.16 6.97
CA PRO A 215 0.55 -9.46 7.49
C PRO A 215 0.29 -10.52 6.45
N TYR A 216 1.20 -11.47 6.31
CA TYR A 216 1.04 -12.56 5.35
C TYR A 216 0.94 -11.96 3.97
N PRO A 217 2.02 -11.32 3.52
CA PRO A 217 1.95 -10.69 2.22
C PRO A 217 1.66 -11.71 1.13
N GLY A 218 0.76 -11.38 0.21
CA GLY A 218 0.48 -12.22 -0.93
C GLY A 218 -0.49 -13.34 -0.62
N MET A 219 -0.67 -13.59 0.67
CA MET A 219 -1.64 -14.57 1.10
C MET A 219 -2.93 -13.86 1.35
N VAL A 220 -4.01 -14.57 1.11
CA VAL A 220 -5.32 -14.02 1.32
C VAL A 220 -5.92 -14.77 2.50
N ASN A 221 -6.95 -14.21 3.11
CA ASN A 221 -7.50 -14.79 4.31
C ASN A 221 -7.51 -16.32 4.33
N ARG A 222 -8.17 -16.94 3.36
CA ARG A 222 -8.28 -18.40 3.36
C ARG A 222 -6.92 -19.07 3.27
N GLU A 223 -6.01 -18.49 2.51
CA GLU A 223 -4.68 -19.05 2.42
C GLU A 223 -4.01 -18.95 3.79
N VAL A 224 -4.34 -17.88 4.53
CA VAL A 224 -3.78 -17.66 5.86
C VAL A 224 -4.37 -18.63 6.90
N LEU A 225 -5.69 -18.62 7.02
CA LEU A 225 -6.39 -19.60 7.85
C LEU A 225 -5.90 -21.01 7.56
N ASP A 226 -5.95 -21.41 6.30
CA ASP A 226 -5.43 -22.73 5.93
C ASP A 226 -4.02 -22.85 6.49
N GLN A 227 -3.19 -21.87 6.15
CA GLN A 227 -1.78 -21.91 6.49
C GLN A 227 -1.50 -21.90 8.00
N VAL A 228 -1.98 -20.87 8.67
CA VAL A 228 -1.68 -20.68 10.07
C VAL A 228 -2.05 -21.93 10.85
N GLU A 229 -3.06 -22.63 10.39
CA GLU A 229 -3.50 -23.86 11.04
C GLU A 229 -2.56 -25.01 10.75
N ARG A 230 -2.06 -25.09 9.52
CA ARG A 230 -1.03 -26.07 9.18
C ARG A 230 0.26 -25.73 9.91
N GLY A 231 0.26 -24.61 10.62
CA GLY A 231 1.39 -24.24 11.45
C GLY A 231 2.28 -23.14 10.88
N TYR A 232 1.92 -22.61 9.72
CA TYR A 232 2.66 -21.49 9.14
C TYR A 232 2.73 -20.32 10.11
N ARG A 233 3.91 -19.72 10.20
CA ARG A 233 4.09 -18.45 10.88
C ARG A 233 4.95 -17.55 10.02
N MET A 234 4.68 -16.26 10.08
CA MET A 234 5.47 -15.32 9.30
C MET A 234 6.93 -15.45 9.66
N PRO A 235 7.81 -15.26 8.68
CA PRO A 235 9.24 -15.39 8.94
C PRO A 235 9.69 -14.12 9.63
N CYS A 236 10.95 -14.11 10.03
CA CYS A 236 11.53 -12.92 10.61
C CYS A 236 11.48 -11.83 9.55
N PRO A 237 10.74 -10.76 9.82
CA PRO A 237 10.66 -9.61 8.92
C PRO A 237 12.05 -9.07 8.61
N PRO A 238 12.26 -8.54 7.39
CA PRO A 238 13.53 -7.95 7.01
C PRO A 238 14.12 -7.16 8.16
N GLU A 239 15.34 -7.51 8.53
CA GLU A 239 16.10 -6.75 9.52
C GLU A 239 15.50 -6.75 10.93
N CYS A 240 14.43 -7.51 11.15
CA CYS A 240 13.90 -7.60 12.50
C CYS A 240 14.67 -8.62 13.31
N PRO A 241 14.85 -8.36 14.62
CA PRO A 241 15.71 -9.27 15.38
C PRO A 241 14.97 -10.54 15.68
N GLU A 242 15.59 -11.68 15.38
CA GLU A 242 15.00 -12.97 15.74
C GLU A 242 14.31 -12.96 17.11
N SER A 243 14.89 -12.27 18.10
CA SER A 243 14.31 -12.25 19.43
C SER A 243 12.98 -11.55 19.40
N LEU A 244 12.84 -10.64 18.46
CA LEU A 244 11.56 -9.98 18.31
C LEU A 244 10.65 -10.89 17.53
N HIS A 245 11.25 -11.61 16.58
CA HIS A 245 10.47 -12.62 15.87
C HIS A 245 10.05 -13.78 16.78
N ASP A 246 10.90 -14.14 17.74
CA ASP A 246 10.55 -15.16 18.70
C ASP A 246 9.40 -14.66 19.54
N LEU A 247 9.49 -13.41 19.97
CA LEU A 247 8.41 -12.86 20.74
C LEU A 247 7.14 -13.08 19.93
N MET A 248 7.17 -12.64 18.67
CA MET A 248 6.04 -12.84 17.80
C MET A 248 5.64 -14.31 17.79
N CYS A 249 6.56 -15.19 17.43
CA CYS A 249 6.25 -16.61 17.44
C CYS A 249 5.58 -17.10 18.73
N GLN A 250 6.00 -16.62 19.90
CA GLN A 250 5.31 -16.95 21.15
C GLN A 250 3.86 -16.51 21.03
N CYS A 251 3.69 -15.25 20.63
CA CYS A 251 2.37 -14.67 20.48
C CYS A 251 1.50 -15.49 19.56
N TRP A 252 2.13 -16.29 18.72
CA TRP A 252 1.35 -17.07 17.77
C TRP A 252 1.35 -18.55 18.05
N ARG A 253 1.76 -18.95 19.24
CA ARG A 253 1.65 -20.36 19.60
C ARG A 253 0.22 -20.84 19.30
N LYS A 254 0.10 -22.02 18.70
CA LYS A 254 -1.21 -22.60 18.38
C LYS A 254 -1.99 -22.61 19.67
N ASP A 255 -1.32 -23.03 20.72
CA ASP A 255 -1.96 -23.14 22.01
C ASP A 255 -1.98 -21.77 22.71
N PRO A 256 -3.16 -21.14 22.73
CA PRO A 256 -3.42 -19.82 23.29
C PRO A 256 -2.81 -19.62 24.67
N GLU A 257 -2.92 -20.64 25.51
CA GLU A 257 -2.47 -20.52 26.89
C GLU A 257 -0.96 -20.45 26.97
N GLU A 258 -0.28 -20.82 25.89
CA GLU A 258 1.16 -20.77 25.86
C GLU A 258 1.63 -19.37 25.51
N ARG A 259 0.82 -18.69 24.71
CA ARG A 259 1.04 -17.28 24.41
C ARG A 259 1.29 -16.49 25.68
N PRO A 260 2.26 -15.56 25.62
CA PRO A 260 2.66 -14.77 26.79
C PRO A 260 1.59 -13.78 27.22
N THR A 261 1.75 -13.24 28.40
CA THR A 261 0.90 -12.14 28.83
C THR A 261 1.45 -10.84 28.25
N PHE A 262 0.65 -9.79 28.38
CA PHE A 262 1.04 -8.49 27.89
C PHE A 262 1.87 -7.84 28.99
N GLU A 263 1.76 -8.39 30.19
CA GLU A 263 2.70 -8.03 31.25
C GLU A 263 4.10 -8.59 30.87
N TYR A 264 4.16 -9.83 30.44
CA TYR A 264 5.41 -10.35 29.91
C TYR A 264 5.87 -9.55 28.68
N LEU A 265 4.96 -9.35 27.75
CA LEU A 265 5.26 -8.65 26.50
C LEU A 265 5.75 -7.25 26.80
N GLN A 266 4.89 -6.45 27.39
CA GLN A 266 5.27 -5.11 27.81
C GLN A 266 6.67 -5.11 28.37
N ALA A 267 6.84 -5.71 29.54
CA ALA A 267 8.15 -5.87 30.18
C ALA A 267 9.25 -6.38 29.23
N PHE A 268 8.90 -7.31 28.35
CA PHE A 268 9.90 -7.87 27.46
C PHE A 268 10.34 -6.77 26.51
N LEU A 269 9.39 -5.92 26.13
CA LEU A 269 9.69 -4.88 25.16
C LEU A 269 10.34 -3.72 25.85
N GLU A 270 9.74 -3.29 26.96
CA GLU A 270 10.31 -2.21 27.75
C GLU A 270 11.80 -2.43 27.97
N ASP A 271 12.14 -3.66 28.29
CA ASP A 271 13.51 -4.00 28.60
C ASP A 271 14.26 -4.51 27.37
N TYR A 272 13.58 -4.52 26.22
CA TYR A 272 14.08 -5.27 25.08
C TYR A 272 15.54 -4.99 24.80
N PHE A 273 15.84 -3.73 24.63
CA PHE A 273 17.16 -3.34 24.17
C PHE A 273 18.27 -3.50 25.18
N THR A 274 17.89 -3.81 26.41
CA THR A 274 18.86 -4.19 27.43
C THR A 274 18.89 -5.70 27.63
N SER A 275 17.78 -6.27 28.05
CA SER A 275 17.77 -7.68 28.40
C SER A 275 17.83 -8.59 27.18
N THR A 276 17.35 -8.10 26.04
CA THR A 276 17.14 -8.97 24.90
C THR A 276 18.03 -8.71 23.69
N GLU A 277 18.12 -7.42 23.31
CA GLU A 277 18.95 -7.00 22.18
C GLU A 277 19.81 -5.83 22.61
N PRO A 278 20.72 -6.08 23.54
CA PRO A 278 21.68 -5.06 23.98
C PRO A 278 22.61 -4.68 22.83
N GLN A 279 22.95 -5.65 21.98
CA GLN A 279 23.89 -5.40 20.91
C GLN A 279 23.18 -4.84 19.67
N TYR A 280 21.95 -4.37 19.86
CA TYR A 280 21.18 -3.88 18.73
C TYR A 280 21.91 -2.71 18.11
N GLN A 281 22.06 -2.73 16.79
CA GLN A 281 22.59 -1.60 16.04
C GLN A 281 21.55 -1.15 15.02
N PRO A 282 21.32 0.18 14.93
CA PRO A 282 20.33 0.63 13.96
C PRO A 282 20.63 0.06 12.58
N GLY A 283 19.58 -0.09 11.77
CA GLY A 283 19.77 -0.67 10.45
C GLY A 283 19.22 0.26 9.38
N GLU A 284 19.19 -0.22 8.14
CA GLU A 284 18.60 0.56 7.08
C GLU A 284 17.18 0.90 7.48
N ASN A 285 16.40 -0.13 7.78
CA ASN A 285 14.98 0.08 8.06
C ASN A 285 14.57 -0.06 9.49
N LEU A 286 15.23 -0.97 10.19
CA LEU A 286 15.02 -1.15 11.62
C LEU A 286 16.35 -0.98 12.35
N ASP B 11 25.61 -11.62 -28.50
CA ASP B 11 25.96 -12.27 -27.23
C ASP B 11 25.03 -13.43 -26.93
N ALA B 12 25.09 -13.96 -25.71
CA ALA B 12 24.30 -15.13 -25.33
C ALA B 12 22.80 -14.91 -25.58
N TRP B 13 22.38 -13.66 -25.63
CA TRP B 13 20.99 -13.34 -25.93
C TRP B 13 20.65 -13.67 -27.38
N GLU B 14 21.63 -13.51 -28.27
CA GLU B 14 21.45 -13.74 -29.70
C GLU B 14 20.79 -15.07 -29.99
N ILE B 15 20.08 -15.14 -31.11
CA ILE B 15 19.45 -16.39 -31.56
C ILE B 15 19.37 -16.46 -33.08
N PRO B 16 19.25 -17.68 -33.63
CA PRO B 16 19.15 -17.88 -35.08
C PRO B 16 17.83 -17.37 -35.64
N ARG B 17 17.91 -16.54 -36.66
CA ARG B 17 16.74 -16.00 -37.33
C ARG B 17 15.68 -17.06 -37.61
N GLU B 18 16.13 -18.30 -37.74
CA GLU B 18 15.23 -19.39 -38.13
C GLU B 18 14.39 -19.92 -36.98
N SER B 19 14.58 -19.40 -35.77
CA SER B 19 13.70 -19.76 -34.67
C SER B 19 12.55 -18.76 -34.52
N LEU B 20 12.76 -17.57 -35.09
CA LEU B 20 11.76 -16.52 -35.05
C LEU B 20 10.82 -16.59 -36.25
N ARG B 21 9.67 -17.23 -36.08
CA ARG B 21 8.65 -17.08 -37.09
C ARG B 21 7.81 -15.87 -36.75
N LEU B 22 8.02 -14.78 -37.50
CA LEU B 22 7.13 -13.64 -37.37
C LEU B 22 5.77 -14.06 -37.92
N GLU B 23 4.85 -14.35 -37.01
CA GLU B 23 3.50 -14.75 -37.40
C GLU B 23 2.64 -13.53 -37.75
N VAL B 24 2.51 -12.62 -36.80
CA VAL B 24 1.59 -11.50 -36.94
C VAL B 24 2.28 -10.16 -36.76
N LYS B 25 2.18 -9.29 -37.77
CA LYS B 25 2.66 -7.93 -37.63
C LYS B 25 1.79 -7.28 -36.58
N LEU B 26 2.38 -6.38 -35.78
CA LEU B 26 1.65 -5.76 -34.69
C LEU B 26 1.73 -4.25 -34.82
N GLY B 27 2.89 -3.76 -35.25
CA GLY B 27 3.10 -2.34 -35.43
C GLY B 27 4.25 -2.07 -36.39
N GLN B 28 4.38 -0.81 -36.79
CA GLN B 28 5.41 -0.44 -37.74
C GLN B 28 5.68 1.06 -37.60
N GLY B 29 6.96 1.43 -37.70
CA GLY B 29 7.35 2.82 -37.52
C GLY B 29 8.49 3.24 -38.43
N CYS B 30 8.90 4.50 -38.30
CA CYS B 30 9.97 5.06 -39.13
C CYS B 30 11.27 4.24 -39.01
N PHE B 31 11.37 3.45 -37.95
CA PHE B 31 12.61 2.72 -37.67
C PHE B 31 12.41 1.23 -37.44
N GLY B 32 11.45 0.63 -38.14
CA GLY B 32 11.26 -0.81 -38.05
C GLY B 32 9.81 -1.22 -37.89
N GLU B 33 9.59 -2.42 -37.38
CA GLU B 33 8.23 -2.88 -37.11
C GLU B 33 8.18 -3.85 -35.93
N VAL B 34 6.96 -4.17 -35.51
CA VAL B 34 6.76 -5.14 -34.44
C VAL B 34 5.87 -6.27 -34.94
N TRP B 35 6.19 -7.48 -34.48
CA TRP B 35 5.48 -8.65 -34.90
C TRP B 35 5.34 -9.52 -33.69
N MET B 36 4.26 -10.29 -33.64
CA MET B 36 4.17 -11.35 -32.66
C MET B 36 4.49 -12.67 -33.34
N GLY B 37 5.69 -13.16 -33.08
CA GLY B 37 6.15 -14.36 -33.72
C GLY B 37 6.14 -15.56 -32.81
N THR B 38 6.91 -16.56 -33.19
CA THR B 38 7.02 -17.77 -32.41
C THR B 38 8.50 -18.08 -32.36
N TRP B 39 9.04 -18.06 -31.15
CA TRP B 39 10.45 -18.28 -30.97
C TRP B 39 10.68 -19.71 -30.51
N ASN B 40 11.61 -20.39 -31.17
CA ASN B 40 11.85 -21.81 -30.92
C ASN B 40 10.62 -22.64 -31.28
N GLY B 41 9.66 -22.02 -31.96
CA GLY B 41 8.42 -22.69 -32.30
C GLY B 41 7.70 -23.19 -31.06
N THR B 42 8.24 -22.92 -29.88
CA THR B 42 7.63 -23.37 -28.63
C THR B 42 7.21 -22.23 -27.70
N THR B 43 7.61 -21.01 -28.00
CA THR B 43 7.24 -19.87 -27.16
C THR B 43 6.85 -18.64 -27.97
N ARG B 44 5.76 -17.99 -27.57
CA ARG B 44 5.30 -16.81 -28.26
C ARG B 44 6.19 -15.63 -27.90
N VAL B 45 6.34 -14.70 -28.83
CA VAL B 45 7.33 -13.65 -28.65
C VAL B 45 6.95 -12.36 -29.35
N ALA B 46 7.29 -11.25 -28.71
CA ALA B 46 7.24 -9.97 -29.37
C ALA B 46 8.57 -9.87 -30.09
N ILE B 47 8.50 -9.58 -31.37
CA ILE B 47 9.70 -9.48 -32.17
C ILE B 47 9.79 -8.06 -32.68
N LYS B 48 10.88 -7.38 -32.39
CA LYS B 48 11.01 -5.99 -32.79
C LYS B 48 11.97 -5.82 -33.94
N THR B 49 11.46 -5.30 -35.04
CA THR B 49 12.22 -5.14 -36.26
C THR B 49 12.89 -3.77 -36.32
N LEU B 50 14.13 -3.76 -36.79
CA LEU B 50 14.78 -2.54 -37.21
C LEU B 50 14.78 -2.48 -38.74
N LYS B 51 14.15 -1.46 -39.31
CA LYS B 51 14.30 -1.21 -40.73
C LYS B 51 15.72 -0.73 -40.93
N PRO B 52 16.55 -1.54 -41.61
CA PRO B 52 17.91 -1.08 -41.86
C PRO B 52 17.88 0.18 -42.69
N GLY B 53 18.78 1.12 -42.40
CA GLY B 53 18.84 2.38 -43.12
C GLY B 53 17.80 3.38 -42.67
N THR B 54 17.16 3.11 -41.53
CA THR B 54 16.24 4.08 -40.93
C THR B 54 16.74 4.54 -39.57
N MET B 55 17.51 3.68 -38.91
CA MET B 55 18.11 4.03 -37.63
C MET B 55 19.38 3.23 -37.39
N SER B 56 20.29 3.82 -36.62
CA SER B 56 21.53 3.16 -36.29
C SER B 56 21.26 1.87 -35.54
N PRO B 57 21.89 0.77 -35.97
CA PRO B 57 21.79 -0.51 -35.26
C PRO B 57 22.14 -0.34 -33.79
N GLU B 58 23.09 0.56 -33.51
CA GLU B 58 23.50 0.83 -32.14
C GLU B 58 22.39 1.56 -31.39
N ALA B 59 21.74 2.51 -32.05
CA ALA B 59 20.63 3.25 -31.46
C ALA B 59 19.42 2.35 -31.20
N PHE B 60 19.23 1.38 -32.08
CA PHE B 60 18.08 0.50 -32.00
C PHE B 60 18.37 -0.69 -31.09
N LEU B 61 19.64 -1.01 -30.93
CA LEU B 61 20.03 -2.11 -30.06
C LEU B 61 20.35 -1.62 -28.65
N GLN B 62 20.71 -0.35 -28.54
CA GLN B 62 20.88 0.28 -27.23
C GLN B 62 19.72 -0.12 -26.31
N GLU B 63 18.51 0.08 -26.80
CA GLU B 63 17.31 -0.21 -26.02
C GLU B 63 17.22 -1.69 -25.62
N ALA B 64 17.79 -2.57 -26.43
CA ALA B 64 17.86 -3.98 -26.06
C ALA B 64 18.98 -4.22 -25.06
N GLN B 65 19.97 -3.34 -25.08
CA GLN B 65 21.07 -3.40 -24.12
C GLN B 65 20.57 -2.97 -22.73
N VAL B 66 19.64 -2.01 -22.70
CA VAL B 66 19.00 -1.61 -21.46
C VAL B 66 18.14 -2.74 -20.93
N MET B 67 17.50 -3.48 -21.84
CA MET B 67 16.56 -4.51 -21.44
C MET B 67 17.23 -5.75 -20.90
N LYS B 68 18.53 -5.86 -21.13
CA LYS B 68 19.28 -6.99 -20.61
C LYS B 68 19.57 -6.74 -19.14
N LYS B 69 20.02 -5.53 -18.83
CA LYS B 69 20.28 -5.15 -17.44
C LYS B 69 19.00 -5.27 -16.62
N LEU B 70 17.85 -5.27 -17.29
CA LEU B 70 16.57 -5.17 -16.59
C LEU B 70 15.69 -6.41 -16.68
N ARG B 71 15.97 -7.38 -15.82
CA ARG B 71 15.13 -8.58 -15.69
C ARG B 71 14.26 -8.52 -14.44
N HIS B 72 12.96 -8.31 -14.62
CA HIS B 72 12.01 -8.34 -13.51
C HIS B 72 10.63 -8.87 -13.97
N GLU B 73 9.99 -9.66 -13.11
CA GLU B 73 8.70 -10.26 -13.40
C GLU B 73 7.70 -9.26 -14.00
N LYS B 74 7.83 -7.99 -13.66
CA LYS B 74 6.87 -6.99 -14.12
C LYS B 74 7.53 -6.02 -15.09
N LEU B 75 8.64 -6.46 -15.64
CA LEU B 75 9.23 -5.80 -16.79
C LEU B 75 9.12 -6.72 -17.98
N VAL B 76 8.55 -6.23 -19.07
CA VAL B 76 8.70 -6.89 -20.35
C VAL B 76 10.11 -7.43 -20.36
N GLN B 77 10.24 -8.73 -20.53
CA GLN B 77 11.53 -9.37 -20.50
C GLN B 77 12.08 -9.53 -21.92
N LEU B 78 13.27 -9.00 -22.16
CA LEU B 78 13.98 -9.35 -23.37
C LEU B 78 14.20 -10.85 -23.38
N TYR B 79 13.85 -11.48 -24.49
CA TYR B 79 14.10 -12.90 -24.67
C TYR B 79 15.41 -13.12 -25.43
N ALA B 80 15.60 -12.39 -26.53
CA ALA B 80 16.77 -12.60 -27.39
C ALA B 80 16.89 -11.55 -28.48
N VAL B 81 18.11 -11.30 -28.93
CA VAL B 81 18.30 -10.34 -30.02
C VAL B 81 18.72 -10.99 -31.34
N VAL B 82 18.30 -10.36 -32.43
CA VAL B 82 18.85 -10.60 -33.75
C VAL B 82 19.60 -9.33 -34.09
N SER B 83 20.87 -9.27 -33.69
CA SER B 83 21.62 -8.02 -33.71
C SER B 83 22.20 -7.66 -35.07
N GLU B 84 22.62 -8.68 -35.82
CA GLU B 84 23.03 -8.46 -37.20
C GLU B 84 21.80 -8.12 -38.03
N GLU B 85 21.89 -7.10 -38.88
CA GLU B 85 20.76 -6.76 -39.73
C GLU B 85 20.38 -7.93 -40.63
N PRO B 86 19.08 -8.11 -40.88
CA PRO B 86 17.98 -7.35 -40.28
C PRO B 86 17.95 -7.50 -38.77
N ILE B 87 17.78 -6.40 -38.06
CA ILE B 87 17.87 -6.42 -36.61
C ILE B 87 16.52 -6.62 -35.94
N TYR B 88 16.50 -7.47 -34.94
CA TYR B 88 15.29 -7.78 -34.19
C TYR B 88 15.58 -7.78 -32.70
N ILE B 89 14.68 -7.18 -31.91
CA ILE B 89 14.69 -7.37 -30.47
C ILE B 89 13.54 -8.29 -30.15
N VAL B 90 13.78 -9.28 -29.32
CA VAL B 90 12.74 -10.25 -28.98
C VAL B 90 12.52 -10.32 -27.48
N THR B 91 11.26 -10.39 -27.09
CA THR B 91 10.90 -10.21 -25.70
C THR B 91 9.75 -11.13 -25.39
N GLU B 92 9.53 -11.39 -24.10
CA GLU B 92 8.34 -12.13 -23.72
C GLU B 92 7.19 -11.43 -24.37
N TYR B 93 6.19 -12.20 -24.79
CA TYR B 93 5.02 -11.64 -25.41
C TYR B 93 3.95 -11.49 -24.36
N MET B 94 3.12 -10.46 -24.52
CA MET B 94 2.04 -10.22 -23.59
C MET B 94 0.75 -10.25 -24.36
N SER B 95 -0.06 -11.26 -24.08
CA SER B 95 -1.25 -11.54 -24.86
C SER B 95 -2.17 -10.33 -25.06
N LYS B 96 -2.42 -9.58 -23.99
CA LYS B 96 -3.48 -8.57 -24.01
C LYS B 96 -3.07 -7.21 -24.60
N GLY B 97 -1.82 -7.09 -25.02
CA GLY B 97 -1.37 -5.85 -25.62
C GLY B 97 -1.14 -4.79 -24.56
N SER B 98 -1.19 -3.54 -24.97
CA SER B 98 -0.90 -2.45 -24.06
C SER B 98 -1.97 -2.37 -23.00
N LEU B 99 -1.58 -1.86 -21.84
CA LEU B 99 -2.50 -1.66 -20.74
C LEU B 99 -3.54 -0.65 -21.15
N LEU B 100 -3.16 0.21 -22.09
CA LEU B 100 -4.04 1.26 -22.56
C LEU B 100 -5.09 0.68 -23.47
N ASP B 101 -4.67 -0.13 -24.44
CA ASP B 101 -5.63 -0.81 -25.31
C ASP B 101 -6.57 -1.66 -24.48
N PHE B 102 -6.08 -2.11 -23.34
CA PHE B 102 -6.76 -3.06 -22.52
C PHE B 102 -7.71 -2.37 -21.59
N LEU B 103 -7.36 -1.17 -21.15
CA LEU B 103 -8.25 -0.41 -20.27
C LEU B 103 -9.41 0.12 -21.10
N LYS B 104 -9.09 0.76 -22.23
CA LYS B 104 -10.10 1.39 -23.10
C LYS B 104 -10.94 0.28 -23.67
N GLY B 105 -10.26 -0.81 -23.98
CA GLY B 105 -10.86 -1.96 -24.63
C GLY B 105 -11.93 -2.70 -23.85
N GLU B 106 -12.28 -3.87 -24.38
CA GLU B 106 -13.40 -4.63 -23.88
C GLU B 106 -13.24 -5.13 -22.45
N MET B 107 -12.13 -5.81 -22.15
CA MET B 107 -11.95 -6.33 -20.80
C MET B 107 -11.76 -5.20 -19.78
N GLY B 108 -11.45 -4.01 -20.27
CA GLY B 108 -11.40 -2.84 -19.43
C GLY B 108 -12.69 -2.64 -18.66
N LYS B 109 -13.82 -2.76 -19.35
CA LYS B 109 -15.15 -2.54 -18.78
C LYS B 109 -15.42 -3.32 -17.50
N TYR B 110 -14.72 -4.42 -17.31
CA TYR B 110 -14.95 -5.29 -16.16
C TYR B 110 -13.82 -5.17 -15.14
N LEU B 111 -12.90 -4.26 -15.40
CA LEU B 111 -11.80 -4.03 -14.48
C LEU B 111 -12.25 -3.09 -13.39
N ARG B 112 -12.09 -3.51 -12.14
CA ARG B 112 -12.48 -2.65 -11.03
C ARG B 112 -11.24 -2.27 -10.26
N LEU B 113 -11.45 -1.54 -9.17
CA LEU B 113 -10.33 -1.08 -8.37
C LEU B 113 -9.37 -2.21 -8.06
N PRO B 114 -9.87 -3.29 -7.46
CA PRO B 114 -8.94 -4.35 -7.05
C PRO B 114 -8.05 -4.86 -8.17
N GLN B 115 -8.58 -5.08 -9.36
CA GLN B 115 -7.71 -5.53 -10.44
C GLN B 115 -6.87 -4.34 -10.86
N LEU B 116 -7.47 -3.15 -10.90
CA LEU B 116 -6.72 -1.96 -11.29
C LEU B 116 -5.58 -1.67 -10.34
N VAL B 117 -5.83 -1.79 -9.04
CA VAL B 117 -4.80 -1.54 -8.05
C VAL B 117 -3.76 -2.63 -8.04
N ASP B 118 -4.14 -3.84 -8.48
CA ASP B 118 -3.19 -4.94 -8.57
C ASP B 118 -2.20 -4.60 -9.66
N MET B 119 -2.76 -4.16 -10.79
CA MET B 119 -1.98 -3.76 -11.93
C MET B 119 -1.04 -2.66 -11.52
N ALA B 120 -1.63 -1.63 -10.92
CA ALA B 120 -0.86 -0.53 -10.39
C ALA B 120 0.27 -1.16 -9.62
N ALA B 121 -0.10 -2.08 -8.73
CA ALA B 121 0.86 -2.71 -7.84
C ALA B 121 1.95 -3.38 -8.64
N GLN B 122 1.58 -4.11 -9.68
CA GLN B 122 2.60 -4.85 -10.42
C GLN B 122 3.53 -3.87 -11.10
N ILE B 123 2.97 -2.86 -11.75
CA ILE B 123 3.74 -1.82 -12.41
C ILE B 123 4.60 -1.12 -11.39
N ALA B 124 3.94 -0.51 -10.42
CA ALA B 124 4.65 0.00 -9.26
C ALA B 124 5.84 -0.92 -8.93
N SER B 125 5.61 -2.22 -8.99
CA SER B 125 6.66 -3.18 -8.69
C SER B 125 7.77 -3.15 -9.74
N GLY B 126 7.39 -3.28 -11.00
CA GLY B 126 8.36 -3.30 -12.06
C GLY B 126 9.11 -2.00 -12.00
N MET B 127 8.37 -0.94 -11.73
CA MET B 127 8.96 0.36 -11.65
C MET B 127 9.82 0.50 -10.39
N ALA B 128 9.48 -0.26 -9.36
CA ALA B 128 10.28 -0.28 -8.15
C ALA B 128 11.58 -0.97 -8.49
N TYR B 129 11.49 -2.07 -9.22
CA TYR B 129 12.68 -2.76 -9.68
C TYR B 129 13.53 -1.72 -10.39
N VAL B 130 12.91 -1.06 -11.36
CA VAL B 130 13.56 -0.02 -12.16
C VAL B 130 14.24 1.00 -11.27
N GLU B 131 13.57 1.31 -10.17
CA GLU B 131 14.05 2.22 -9.15
C GLU B 131 15.29 1.66 -8.47
N ARG B 132 15.24 0.40 -8.04
CA ARG B 132 16.39 -0.21 -7.39
C ARG B 132 17.59 -0.10 -8.31
N MET B 133 17.32 -0.16 -9.60
CA MET B 133 18.37 -0.22 -10.59
C MET B 133 18.87 1.18 -10.87
N ASN B 134 18.28 2.16 -10.19
CA ASN B 134 18.61 3.55 -10.42
C ASN B 134 18.41 3.85 -11.90
N TYR B 135 17.53 3.08 -12.53
CA TYR B 135 17.11 3.36 -13.89
C TYR B 135 15.95 4.33 -13.91
N VAL B 136 15.71 4.89 -15.08
CA VAL B 136 14.58 5.77 -15.29
C VAL B 136 13.81 5.27 -16.51
N HIS B 137 12.52 5.50 -16.51
CA HIS B 137 11.76 5.02 -17.64
C HIS B 137 11.49 6.17 -18.58
N ARG B 138 10.93 7.25 -18.05
CA ARG B 138 10.72 8.50 -18.79
C ARG B 138 9.44 8.52 -19.59
N ASP B 139 8.78 7.38 -19.65
CA ASP B 139 7.57 7.31 -20.43
C ASP B 139 6.65 6.30 -19.76
N LEU B 140 6.72 6.25 -18.44
CA LEU B 140 5.81 5.42 -17.68
C LEU B 140 4.43 5.94 -17.94
N ARG B 141 3.59 5.12 -18.52
CA ARG B 141 2.24 5.53 -18.87
C ARG B 141 1.51 4.27 -19.35
N ALA B 142 0.19 4.23 -19.16
CA ALA B 142 -0.56 3.01 -19.47
C ALA B 142 -0.25 2.46 -20.85
N ALA B 143 0.12 3.33 -21.78
CA ALA B 143 0.43 2.90 -23.14
C ALA B 143 1.72 2.11 -23.20
N ASN B 144 2.45 2.10 -22.09
CA ASN B 144 3.71 1.40 -22.04
C ASN B 144 3.63 0.21 -21.11
N ILE B 145 2.46 0.02 -20.52
CA ILE B 145 2.31 -1.14 -19.70
C ILE B 145 1.64 -2.18 -20.57
N LEU B 146 2.21 -3.37 -20.58
CA LEU B 146 1.60 -4.49 -21.26
C LEU B 146 0.82 -5.34 -20.29
N VAL B 147 -0.33 -5.83 -20.73
CA VAL B 147 -1.06 -6.76 -19.89
C VAL B 147 -0.87 -8.14 -20.44
N GLY B 148 -0.73 -9.10 -19.56
CA GLY B 148 -0.58 -10.48 -19.98
C GLY B 148 -1.82 -11.26 -19.62
N GLU B 149 -1.72 -12.57 -19.62
CA GLU B 149 -2.83 -13.32 -19.10
C GLU B 149 -2.80 -13.12 -17.60
N ASN B 150 -3.96 -13.24 -16.97
CA ASN B 150 -4.05 -13.16 -15.53
C ASN B 150 -3.75 -11.76 -15.04
N LEU B 151 -4.09 -10.77 -15.87
CA LEU B 151 -3.90 -9.38 -15.49
C LEU B 151 -2.46 -9.09 -15.11
N VAL B 152 -1.54 -9.94 -15.53
CA VAL B 152 -0.14 -9.60 -15.40
C VAL B 152 0.07 -8.35 -16.24
N CYS B 153 0.57 -7.29 -15.62
CA CYS B 153 1.01 -6.11 -16.35
C CYS B 153 2.50 -5.98 -16.13
N LYS B 154 3.21 -5.51 -17.15
CA LYS B 154 4.65 -5.35 -17.01
C LYS B 154 5.03 -4.03 -17.64
N VAL B 155 6.03 -3.37 -17.06
CA VAL B 155 6.50 -2.15 -17.65
C VAL B 155 7.19 -2.48 -18.96
N ALA B 156 6.79 -1.78 -20.02
CA ALA B 156 7.43 -1.90 -21.32
C ALA B 156 7.78 -0.51 -21.79
N ASP B 157 8.40 -0.43 -22.96
CA ASP B 157 8.63 0.87 -23.57
C ASP B 157 8.62 0.75 -25.08
N PHE B 158 8.18 1.80 -25.76
CA PHE B 158 8.16 1.83 -27.21
C PHE B 158 8.70 3.15 -27.74
N PRO B 178 4.28 13.78 -24.92
CA PRO B 178 3.69 13.02 -23.83
C PRO B 178 3.89 13.78 -22.53
N ILE B 179 3.63 15.07 -22.53
CA ILE B 179 3.84 15.85 -21.33
C ILE B 179 2.71 15.62 -20.33
N LYS B 180 1.63 14.98 -20.77
CA LYS B 180 0.51 14.74 -19.90
C LYS B 180 0.91 13.71 -18.83
N TRP B 181 1.88 12.89 -19.17
CA TRP B 181 2.34 11.86 -18.25
C TRP B 181 3.66 12.21 -17.65
N THR B 182 4.19 13.36 -18.07
CA THR B 182 5.57 13.71 -17.78
C THR B 182 5.65 14.73 -16.71
N ALA B 183 6.42 14.42 -15.68
CA ALA B 183 6.67 15.34 -14.58
C ALA B 183 7.28 16.61 -15.13
N PRO B 184 6.81 17.76 -14.63
CA PRO B 184 7.24 19.09 -15.06
C PRO B 184 8.76 19.17 -15.26
N GLU B 185 9.50 19.04 -14.18
CA GLU B 185 10.94 19.17 -14.22
C GLU B 185 11.54 18.29 -15.31
N ALA B 186 10.75 17.32 -15.78
CA ALA B 186 11.17 16.44 -16.87
C ALA B 186 10.71 17.03 -18.18
N ALA B 187 9.47 17.49 -18.20
CA ALA B 187 8.92 18.10 -19.40
C ALA B 187 9.60 19.41 -19.71
N LEU B 188 10.09 20.09 -18.68
CA LEU B 188 10.59 21.46 -18.81
C LEU B 188 12.12 21.60 -18.79
N TYR B 189 12.76 20.96 -17.82
CA TYR B 189 14.21 21.07 -17.73
C TYR B 189 14.84 19.71 -17.96
N GLY B 190 14.03 18.79 -18.47
CA GLY B 190 14.49 17.45 -18.79
C GLY B 190 15.10 16.75 -17.60
N ARG B 191 14.61 17.08 -16.40
CA ARG B 191 15.04 16.38 -15.20
C ARG B 191 14.28 15.08 -15.05
N PHE B 192 14.53 14.17 -15.99
CA PHE B 192 13.92 12.86 -15.97
C PHE B 192 14.62 11.99 -14.97
N THR B 193 13.91 11.64 -13.91
CA THR B 193 14.42 10.75 -12.89
C THR B 193 13.34 9.78 -12.53
N ILE B 194 13.69 8.72 -11.81
CA ILE B 194 12.70 7.80 -11.33
C ILE B 194 11.57 8.57 -10.68
N LYS B 195 11.89 9.70 -10.06
CA LYS B 195 10.89 10.52 -9.39
C LYS B 195 9.89 11.08 -10.38
N SER B 196 10.37 11.48 -11.55
CA SER B 196 9.49 11.97 -12.60
C SER B 196 8.74 10.78 -13.21
N ASP B 197 9.28 9.58 -12.99
CA ASP B 197 8.59 8.37 -13.34
C ASP B 197 7.48 8.13 -12.32
N VAL B 198 7.76 8.41 -11.05
CA VAL B 198 6.73 8.35 -10.03
C VAL B 198 5.58 9.24 -10.48
N TRP B 199 5.91 10.45 -10.90
CA TRP B 199 4.92 11.37 -11.43
C TRP B 199 4.06 10.73 -12.51
N SER B 200 4.75 10.12 -13.47
CA SER B 200 4.06 9.48 -14.57
C SER B 200 3.16 8.43 -13.97
N PHE B 201 3.74 7.70 -13.03
CA PHE B 201 3.03 6.62 -12.40
C PHE B 201 1.74 7.20 -11.87
N GLY B 202 1.83 8.37 -11.24
CA GLY B 202 0.63 9.03 -10.79
C GLY B 202 -0.37 9.16 -11.93
N ILE B 203 0.13 9.54 -13.10
CA ILE B 203 -0.72 9.74 -14.27
C ILE B 203 -1.30 8.41 -14.70
N LEU B 204 -0.50 7.37 -14.53
CA LEU B 204 -0.92 6.03 -14.88
C LEU B 204 -2.02 5.62 -13.91
N LEU B 205 -2.04 6.23 -12.74
CA LEU B 205 -3.03 5.82 -11.78
C LEU B 205 -4.35 6.32 -12.32
N THR B 206 -4.31 7.48 -12.96
CA THR B 206 -5.53 8.04 -13.48
C THR B 206 -5.96 7.24 -14.69
N GLU B 207 -4.99 6.83 -15.51
CA GLU B 207 -5.28 6.01 -16.68
C GLU B 207 -6.03 4.79 -16.22
N LEU B 208 -5.56 4.25 -15.12
CA LEU B 208 -6.01 2.98 -14.63
C LEU B 208 -7.40 3.09 -14.12
N THR B 209 -7.70 4.26 -13.59
CA THR B 209 -8.94 4.42 -12.86
C THR B 209 -9.89 5.25 -13.69
N THR B 210 -9.41 5.68 -14.86
CA THR B 210 -10.30 6.30 -15.85
C THR B 210 -10.51 5.37 -17.03
N LYS B 211 -10.03 4.14 -16.89
CA LYS B 211 -10.21 3.11 -17.89
C LYS B 211 -9.46 3.49 -19.15
N GLY B 212 -8.33 4.17 -18.98
CA GLY B 212 -7.47 4.47 -20.11
C GLY B 212 -7.62 5.87 -20.65
N ARG B 213 -8.60 6.62 -20.13
CA ARG B 213 -8.84 7.98 -20.60
C ARG B 213 -7.60 8.86 -20.59
N VAL B 214 -7.60 9.89 -21.42
CA VAL B 214 -6.41 10.70 -21.56
C VAL B 214 -6.36 11.68 -20.41
N PRO B 215 -5.21 11.69 -19.72
CA PRO B 215 -4.93 12.55 -18.57
C PRO B 215 -5.22 13.99 -18.94
N TYR B 216 -5.83 14.72 -18.01
CA TYR B 216 -6.13 16.13 -18.25
C TYR B 216 -7.07 16.21 -19.42
N PRO B 217 -8.26 15.66 -19.24
CA PRO B 217 -9.22 15.68 -20.35
C PRO B 217 -9.53 17.13 -20.77
N GLY B 218 -9.51 17.38 -22.08
CA GLY B 218 -9.93 18.66 -22.63
C GLY B 218 -8.81 19.68 -22.58
N MET B 219 -7.81 19.38 -21.78
CA MET B 219 -6.62 20.21 -21.76
C MET B 219 -5.66 19.69 -22.78
N VAL B 220 -4.89 20.62 -23.34
CA VAL B 220 -3.90 20.28 -24.32
C VAL B 220 -2.56 20.53 -23.66
N ASN B 221 -1.50 19.94 -24.21
CA ASN B 221 -0.19 20.02 -23.60
C ASN B 221 0.11 21.37 -22.94
N ARG B 222 0.08 22.46 -23.71
CA ARG B 222 0.42 23.76 -23.14
C ARG B 222 -0.51 24.15 -22.00
N GLU B 223 -1.78 23.79 -22.11
CA GLU B 223 -2.71 24.13 -21.04
C GLU B 223 -2.30 23.33 -19.81
N VAL B 224 -1.76 22.14 -20.03
CA VAL B 224 -1.34 21.28 -18.94
C VAL B 224 -0.06 21.78 -18.28
N LEU B 225 1.00 21.91 -19.07
CA LEU B 225 2.23 22.56 -18.64
C LEU B 225 1.94 23.86 -17.88
N ASP B 226 1.22 24.78 -18.52
CA ASP B 226 0.84 26.01 -17.83
C ASP B 226 0.20 25.63 -16.49
N GLN B 227 -0.81 24.78 -16.57
CA GLN B 227 -1.61 24.41 -15.41
C GLN B 227 -0.81 23.71 -14.31
N VAL B 228 -0.20 22.58 -14.65
CA VAL B 228 0.46 21.76 -13.67
C VAL B 228 1.46 22.59 -12.89
N GLU B 229 2.02 23.59 -13.55
CA GLU B 229 2.99 24.47 -12.92
C GLU B 229 2.32 25.46 -11.98
N ARG B 230 1.15 25.96 -12.37
CA ARG B 230 0.38 26.81 -11.48
C ARG B 230 -0.15 25.96 -10.32
N GLY B 231 0.12 24.66 -10.38
CA GLY B 231 -0.20 23.78 -9.27
C GLY B 231 -1.42 22.89 -9.50
N TYR B 232 -2.02 23.00 -10.69
CA TYR B 232 -3.14 22.14 -11.02
C TYR B 232 -2.77 20.66 -10.88
N ARG B 233 -3.68 19.90 -10.29
CA ARG B 233 -3.60 18.45 -10.30
C ARG B 233 -4.96 17.88 -10.63
N MET B 234 -4.97 16.75 -11.33
CA MET B 234 -6.23 16.13 -11.68
C MET B 234 -7.02 15.82 -10.43
N PRO B 235 -8.35 15.96 -10.52
CA PRO B 235 -9.19 15.71 -9.36
C PRO B 235 -9.27 14.21 -9.17
N CYS B 236 -9.91 13.80 -8.09
CA CYS B 236 -10.20 12.41 -7.89
C CYS B 236 -11.06 11.92 -9.05
N PRO B 237 -10.54 10.97 -9.84
CA PRO B 237 -11.30 10.35 -10.92
C PRO B 237 -12.62 9.77 -10.42
N PRO B 238 -13.65 9.78 -11.27
CA PRO B 238 -14.94 9.21 -10.90
C PRO B 238 -14.76 7.93 -10.11
N GLU B 239 -15.36 7.88 -8.92
CA GLU B 239 -15.40 6.65 -8.13
C GLU B 239 -14.03 6.13 -7.67
N CYS B 240 -12.98 6.90 -7.89
CA CYS B 240 -11.69 6.46 -7.39
C CYS B 240 -11.52 6.90 -5.94
N PRO B 241 -10.83 6.07 -5.14
CA PRO B 241 -10.76 6.38 -3.72
C PRO B 241 -9.79 7.51 -3.48
N GLU B 242 -10.23 8.50 -2.72
CA GLU B 242 -9.35 9.61 -2.37
C GLU B 242 -7.95 9.13 -1.98
N SER B 243 -7.84 8.00 -1.30
CA SER B 243 -6.54 7.51 -0.89
C SER B 243 -5.70 7.14 -2.09
N LEU B 244 -6.39 6.76 -3.18
CA LEU B 244 -5.66 6.46 -4.40
C LEU B 244 -5.36 7.78 -5.05
N HIS B 245 -6.29 8.72 -4.95
CA HIS B 245 -6.02 10.05 -5.48
C HIS B 245 -4.92 10.79 -4.70
N ASP B 246 -4.81 10.53 -3.41
CA ASP B 246 -3.72 11.07 -2.63
C ASP B 246 -2.43 10.45 -3.06
N LEU B 247 -2.46 9.14 -3.31
CA LEU B 247 -1.28 8.50 -3.79
C LEU B 247 -0.84 9.27 -5.01
N MET B 248 -1.76 9.42 -5.96
CA MET B 248 -1.48 10.16 -7.16
C MET B 248 -0.91 11.52 -6.79
N CYS B 249 -1.67 12.29 -6.02
CA CYS B 249 -1.18 13.60 -5.60
C CYS B 249 0.26 13.62 -5.05
N GLN B 250 0.65 12.61 -4.25
CA GLN B 250 2.04 12.49 -3.82
C GLN B 250 2.92 12.38 -5.06
N CYS B 251 2.54 11.49 -5.95
CA CYS B 251 3.30 11.24 -7.17
C CYS B 251 3.48 12.52 -7.95
N TRP B 252 2.60 13.48 -7.72
CA TRP B 252 2.68 14.72 -8.48
C TRP B 252 3.12 15.92 -7.67
N ARG B 253 3.74 15.68 -6.52
CA ARG B 253 4.30 16.78 -5.77
C ARG B 253 5.22 17.58 -6.69
N LYS B 254 5.13 18.91 -6.64
CA LYS B 254 5.98 19.79 -7.44
C LYS B 254 7.39 19.39 -7.18
N ASP B 255 7.66 19.13 -5.90
CA ASP B 255 9.01 18.79 -5.50
C ASP B 255 9.23 17.30 -5.67
N PRO B 256 9.98 16.95 -6.72
CA PRO B 256 10.33 15.58 -7.12
C PRO B 256 10.75 14.70 -5.95
N GLU B 257 11.59 15.24 -5.07
CA GLU B 257 12.14 14.46 -3.97
C GLU B 257 11.09 14.12 -2.94
N GLU B 258 9.94 14.78 -3.02
CA GLU B 258 8.86 14.52 -2.09
C GLU B 258 8.03 13.34 -2.57
N ARG B 259 7.94 13.22 -3.89
CA ARG B 259 7.31 12.07 -4.49
C ARG B 259 7.84 10.77 -3.92
N PRO B 260 6.95 9.81 -3.73
CA PRO B 260 7.27 8.54 -3.08
C PRO B 260 8.13 7.65 -3.97
N THR B 261 8.72 6.63 -3.37
CA THR B 261 9.42 5.64 -4.13
C THR B 261 8.40 4.65 -4.67
N PHE B 262 8.87 3.82 -5.60
CA PHE B 262 8.02 2.79 -6.17
C PHE B 262 8.00 1.60 -5.21
N GLU B 263 8.96 1.59 -4.29
CA GLU B 263 8.93 0.64 -3.19
C GLU B 263 7.78 1.04 -2.27
N TYR B 264 7.66 2.34 -1.97
CA TYR B 264 6.51 2.83 -1.24
C TYR B 264 5.20 2.62 -2.03
N LEU B 265 5.23 2.96 -3.31
CA LEU B 265 4.06 2.82 -4.17
C LEU B 265 3.63 1.38 -4.28
N GLN B 266 4.50 0.55 -4.84
CA GLN B 266 4.25 -0.88 -4.87
C GLN B 266 3.60 -1.33 -3.59
N ALA B 267 4.36 -1.32 -2.51
CA ALA B 267 3.87 -1.70 -1.18
C ALA B 267 2.55 -1.04 -0.82
N PHE B 268 2.39 0.21 -1.21
CA PHE B 268 1.19 0.91 -0.83
C PHE B 268 0.02 0.28 -1.57
N LEU B 269 0.29 -0.15 -2.79
CA LEU B 269 -0.75 -0.71 -3.64
C LEU B 269 -0.97 -2.15 -3.28
N GLU B 270 0.11 -2.89 -3.15
CA GLU B 270 0.02 -4.29 -2.79
C GLU B 270 -0.86 -4.44 -1.58
N ASP B 271 -0.66 -3.55 -0.62
CA ASP B 271 -1.40 -3.60 0.62
C ASP B 271 -2.65 -2.75 0.59
N TYR B 272 -2.90 -2.10 -0.55
CA TYR B 272 -3.92 -1.05 -0.59
C TYR B 272 -5.20 -1.42 0.09
N PHE B 273 -5.78 -2.52 -0.33
CA PHE B 273 -7.13 -2.85 0.09
C PHE B 273 -7.24 -3.33 1.50
N THR B 274 -6.10 -3.52 2.15
CA THR B 274 -6.08 -3.84 3.57
C THR B 274 -5.67 -2.62 4.38
N SER B 275 -4.47 -2.11 4.15
CA SER B 275 -3.98 -1.00 4.96
C SER B 275 -4.67 0.30 4.63
N THR B 276 -5.17 0.44 3.40
CA THR B 276 -5.59 1.77 2.95
C THR B 276 -7.06 1.88 2.70
N GLU B 277 -7.62 0.92 1.96
CA GLU B 277 -9.05 0.90 1.61
C GLU B 277 -9.66 -0.46 1.96
N PRO B 278 -9.62 -0.82 3.24
CA PRO B 278 -10.21 -2.07 3.71
C PRO B 278 -11.72 -2.08 3.48
N GLN B 279 -12.33 -0.90 3.58
CA GLN B 279 -13.77 -0.81 3.43
C GLN B 279 -14.17 -0.65 1.96
N TYR B 280 -13.25 -0.93 1.04
CA TYR B 280 -13.50 -0.79 -0.38
C TYR B 280 -14.67 -1.67 -0.76
N GLN B 281 -15.66 -1.09 -1.45
CA GLN B 281 -16.75 -1.86 -2.04
C GLN B 281 -16.77 -1.64 -3.54
N PRO B 282 -16.88 -2.74 -4.31
CA PRO B 282 -16.88 -2.56 -5.77
C PRO B 282 -17.90 -1.52 -6.18
N GLY B 283 -17.68 -0.85 -7.31
CA GLY B 283 -18.56 0.23 -7.74
C GLY B 283 -19.02 -0.03 -9.15
N GLU B 284 -19.74 0.93 -9.72
CA GLU B 284 -20.16 0.80 -11.11
C GLU B 284 -18.92 0.57 -11.94
N ASN B 285 -17.96 1.48 -11.84
CA ASN B 285 -16.79 1.42 -12.71
C ASN B 285 -15.52 0.99 -12.04
N LEU B 286 -15.36 1.40 -10.79
CA LEU B 286 -14.25 0.97 -9.98
C LEU B 286 -14.74 0.25 -8.71
C NG7 C . -9.52 0.17 24.23
F1 NG7 C . -8.73 -0.71 23.59
N NG7 C . -13.58 -5.62 22.83
O NG7 C . -10.67 3.60 21.10
S NG7 C . -8.17 9.86 15.22
C01 NG7 C . -7.83 9.39 19.06
F3 NG7 C . -9.51 -0.20 25.52
N01 NG7 C . -9.72 8.51 17.17
O01 NG7 C . -6.44 10.52 13.01
C02 NG7 C . -7.63 9.76 17.72
F2 NG7 C . -8.76 1.28 24.22
N02 NG7 C . -6.54 10.56 17.19
C03 NG7 C . -8.64 9.27 16.84
N03 NG7 C . -5.84 11.47 14.97
C04 NG7 C . -9.91 8.15 18.50
N04 NG7 C . -12.79 2.79 21.37
C05 NG7 C . -8.95 8.60 19.43
N05 NG7 C . -12.15 -3.38 23.95
C06 NG7 C . -6.65 10.74 15.87
C07 NG7 C . -5.64 11.28 13.54
C08 NG7 C . -4.84 12.25 12.65
C09 NG7 C . -3.52 11.89 11.98
C10 NG7 C . -4.76 11.92 11.15
C11 NG7 C . -11.13 7.25 18.93
C12 NG7 C . -12.44 7.61 18.61
C13 NG7 C . -13.51 6.80 18.99
C14 NG7 C . -13.37 5.59 19.69
C15 NG7 C . -12.10 5.15 20.03
C16 NG7 C . -11.02 6.00 19.63
C17 NG7 C . -11.85 3.78 20.84
C18 NG7 C . -12.48 1.59 22.17
C19 NG7 C . -13.33 0.50 22.34
C20 NG7 C . -13.00 -0.63 23.09
C21 NG7 C . -11.79 -0.83 23.76
C22 NG7 C . -10.92 0.27 23.60
C23 NG7 C . -11.24 1.42 22.84
C24 NG7 C . -11.49 -2.14 24.52
C25 NG7 C . -13.00 -4.24 24.84
C26 NG7 C . -14.00 -5.24 24.20
C27 NG7 C . -13.50 -4.44 21.95
C28 NG7 C . -12.50 -3.40 22.50
C29 NG7 C . -14.38 -6.73 22.22
C30 NG7 C . -15.33 -7.38 23.23
O1 MES D . -14.45 -9.05 26.22
C2 MES D . -13.48 -8.47 27.07
C3 MES D . -14.17 -7.54 28.06
N4 MES D . -15.26 -8.36 28.59
C5 MES D . -16.31 -8.75 27.68
C6 MES D . -15.73 -8.44 26.32
C7 MES D . -15.29 -8.81 29.97
C8 MES D . -14.78 -7.66 30.84
S MES D . -14.89 -8.09 32.46
O1S MES D . -13.40 -8.14 32.48
O2S MES D . -15.67 -9.28 32.00
O3S MES D . -15.56 -6.77 32.63
C1 GOL E . -2.58 -7.95 0.57
O1 GOL E . -3.34 -7.33 1.61
C2 GOL E . -1.13 -8.21 0.99
O2 GOL E . -0.93 -9.61 1.14
C3 GOL E . -0.18 -7.72 -0.07
O3 GOL E . 1.09 -8.32 0.07
C NG7 F . 11.50 -1.19 -19.52
F1 NG7 F . 10.87 -0.16 -18.92
N NG7 F . 15.20 5.08 -20.01
O NG7 F . 9.56 -2.79 -23.70
S NG7 F . 2.87 -6.38 -28.36
C01 NG7 F . 5.35 -7.80 -25.72
F3 NG7 F . 12.44 -1.60 -18.65
N01 NG7 F . 5.55 -5.74 -27.65
O01 NG7 F . 0.36 -6.69 -29.38
C02 NG7 F . 4.23 -7.55 -26.53
F2 NG7 F . 10.60 -2.19 -19.44
N02 NG7 F . 2.95 -8.25 -26.50
C03 NG7 F . 4.43 -6.50 -27.46
N03 NG7 F . 0.73 -8.12 -27.64
C04 NG7 F . 6.66 -6.01 -26.84
N04 NG7 F . 11.51 -1.95 -24.55
C05 NG7 F . 6.53 -7.03 -25.88
N05 NG7 F . 14.42 2.25 -20.20
C06 NG7 F . 2.08 -7.78 -27.38
C07 NG7 F . -0.11 -7.60 -28.70
C08 NG7 F . -1.60 -7.94 -28.84
C09 NG7 F . -2.68 -6.88 -28.55
C10 NG7 F . -2.38 -7.24 -29.97
C11 NG7 F . 8.00 -5.20 -26.94
C12 NG7 F . 8.80 -5.24 -28.10
C13 NG7 F . 9.99 -4.52 -28.17
C14 NG7 F . 10.48 -3.73 -27.12
C15 NG7 F . 9.77 -3.62 -25.93
C16 NG7 F . 8.55 -4.38 -25.90
C17 NG7 F . 10.29 -2.75 -24.68
C18 NG7 F . 12.02 -1.22 -23.38
C19 NG7 F . 13.01 -0.23 -23.41
C20 NG7 F . 13.49 0.41 -22.27
C21 NG7 F . 13.07 0.18 -20.97
C22 NG7 F . 12.07 -0.82 -20.90
C23 NG7 F . 11.58 -1.50 -22.05
C24 NG7 F . 13.68 1.00 -19.79
C25 NG7 F . 15.63 2.68 -19.44
C26 NG7 F . 16.26 4.06 -19.77
C27 NG7 F . 14.33 4.73 -21.16
C28 NG7 F . 13.77 3.27 -21.08
C29 NG7 F . 15.69 6.51 -19.95
C30 NG7 F . 16.09 7.00 -21.34
O1 MES G . 17.73 6.04 -17.47
C2 MES G . 18.84 6.90 -17.21
C3 MES G . 19.76 6.28 -16.18
N4 MES G . 20.21 5.02 -16.75
C5 MES G . 19.34 4.29 -17.64
C6 MES G . 17.96 4.69 -17.13
C7 MES G . 21.52 4.50 -16.43
C8 MES G . 21.36 3.98 -15.00
S MES G . 22.76 3.23 -14.47
O1S MES G . 23.04 4.51 -13.76
O2S MES G . 23.10 3.06 -15.91
O3S MES G . 21.85 2.24 -13.81
#